data_4U28
#
_entry.id   4U28
#
_cell.length_a   69.111
_cell.length_b   69.111
_cell.length_c   175.036
_cell.angle_alpha   90.000
_cell.angle_beta   90.000
_cell.angle_gamma   120.000
#
_symmetry.space_group_name_H-M   'P 65 2 2'
#
loop_
_entity.id
_entity.type
_entity.pdbx_description
1 polymer 'Phosphoribosyl isomerase A'
2 non-polymer 'PHOSPHATE ION'
3 water water
#
_entity_poly.entity_id   1
_entity_poly.type   'polypeptide(L)'
_entity_poly.pdbx_seq_one_letter_code
;(MSE)PSKLSRLELLPAVDVRDGQAVRLVHGESGTETSYGSPLEAALSWQRAGAEWLHLVDLDAAFGTGDNRELVRQVTE
A(MSE)DIKVELSGGIRDDASLAAALATGCTRVNLGTAALESPEWVAKVIAEHGDRIAVGLDVRGTTLKGRGWTSEGGDL
YEALERLDKEGCARYVVTDIAKDGTLQGPNLELLRNVCAATDRPVVASGGVSSLDDLRAIAELVPLGVEGSIVGKALYAK
AFTLEEALEAVAQ
;
_entity_poly.pdbx_strand_id   A
#
loop_
_chem_comp.id
_chem_comp.type
_chem_comp.name
_chem_comp.formula
PO4 non-polymer 'PHOSPHATE ION' 'O4 P -3'
#
# COMPACT_ATOMS: atom_id res chain seq x y z
N SER A 6 15.30 -12.79 0.21
CA SER A 6 15.18 -12.30 1.64
C SER A 6 15.51 -10.80 1.79
N ARG A 7 15.64 -10.10 0.67
CA ARG A 7 15.84 -8.67 0.66
C ARG A 7 14.49 -7.97 0.85
N LEU A 8 14.48 -6.82 1.51
CA LEU A 8 13.25 -6.02 1.63
C LEU A 8 12.81 -5.52 0.25
N GLU A 9 11.56 -5.80 -0.13
CA GLU A 9 11.00 -5.27 -1.36
C GLU A 9 10.65 -3.81 -1.17
N LEU A 10 10.92 -2.99 -2.19
CA LEU A 10 10.49 -1.59 -2.16
C LEU A 10 9.34 -1.40 -3.13
N LEU A 11 8.30 -0.71 -2.66
CA LEU A 11 7.12 -0.40 -3.47
C LEU A 11 6.96 1.12 -3.53
N PRO A 12 7.68 1.78 -4.44
CA PRO A 12 7.46 3.20 -4.59
C PRO A 12 6.01 3.47 -4.99
N ALA A 13 5.45 4.54 -4.44
CA ALA A 13 4.03 4.81 -4.56
C ALA A 13 3.70 5.87 -5.62
N VAL A 14 2.55 5.69 -6.23
CA VAL A 14 1.89 6.72 -7.03
C VAL A 14 0.44 6.79 -6.57
N ASP A 15 0.08 7.89 -5.91
CA ASP A 15 -1.28 8.10 -5.44
C ASP A 15 -1.90 9.14 -6.37
N VAL A 16 -3.12 8.84 -6.85
CA VAL A 16 -3.77 9.65 -7.88
C VAL A 16 -5.01 10.36 -7.35
N ARG A 17 -5.07 11.68 -7.52
CA ARG A 17 -6.26 12.45 -7.22
C ARG A 17 -6.48 13.42 -8.37
N ASP A 18 -7.70 13.43 -8.90
CA ASP A 18 -8.04 14.30 -10.02
C ASP A 18 -7.02 14.19 -11.16
N GLY A 19 -6.62 12.95 -11.46
CA GLY A 19 -5.70 12.64 -12.54
C GLY A 19 -4.25 13.01 -12.33
N GLN A 20 -3.89 13.48 -11.13
CA GLN A 20 -2.53 13.89 -10.83
C GLN A 20 -1.91 13.03 -9.73
N ALA A 21 -0.59 12.92 -9.77
CA ALA A 21 0.17 12.27 -8.72
C ALA A 21 0.26 13.23 -7.56
N VAL A 22 -0.16 12.78 -6.38
CA VAL A 22 -0.20 13.63 -5.18
C VAL A 22 0.35 12.87 -3.99
N ARG A 23 0.73 13.63 -2.95
CA ARG A 23 1.00 13.05 -1.63
C ARG A 23 0.07 13.70 -0.61
N LEU A 24 -0.38 12.90 0.34
CA LEU A 24 -1.20 13.36 1.45
C LEU A 24 -0.39 13.34 2.75
N VAL A 25 -0.98 13.95 3.77
CA VAL A 25 -0.50 13.82 5.14
C VAL A 25 -1.60 13.13 5.96
N HIS A 26 -1.24 12.07 6.69
CA HIS A 26 -2.18 11.29 7.48
C HIS A 26 -3.32 10.72 6.62
N GLY A 27 -3.07 10.53 5.33
CA GLY A 27 -4.08 10.04 4.41
C GLY A 27 -5.33 10.90 4.29
N GLU A 28 -5.20 12.19 4.64
N GLU A 28 -5.20 12.19 4.62
CA GLU A 28 -6.36 13.09 4.73
CA GLU A 28 -6.37 13.07 4.72
C GLU A 28 -6.66 13.80 3.41
C GLU A 28 -6.67 13.80 3.42
N SER A 29 -7.89 13.64 2.93
CA SER A 29 -8.37 14.39 1.79
C SER A 29 -8.17 15.89 2.05
N GLY A 30 -7.66 16.61 1.06
CA GLY A 30 -7.42 18.05 1.21
C GLY A 30 -6.00 18.44 1.55
N THR A 31 -5.18 17.44 1.90
CA THR A 31 -3.76 17.70 2.18
C THR A 31 -2.85 17.45 0.97
N GLU A 32 -3.44 17.34 -0.23
CA GLU A 32 -2.70 17.01 -1.42
C GLU A 32 -1.58 18.01 -1.73
N THR A 33 -0.39 17.48 -1.95
N THR A 33 -0.38 17.48 -1.95
CA THR A 33 0.70 18.20 -2.62
CA THR A 33 0.67 18.22 -2.63
C THR A 33 0.87 17.53 -3.97
C THR A 33 0.90 17.52 -3.97
N SER A 34 0.95 18.31 -5.04
CA SER A 34 0.92 17.79 -6.41
C SER A 34 2.29 17.61 -7.00
N TYR A 35 2.46 16.51 -7.72
CA TYR A 35 3.72 16.14 -8.36
C TYR A 35 3.55 15.75 -9.82
N GLY A 36 2.44 16.16 -10.46
CA GLY A 36 2.33 16.03 -11.89
C GLY A 36 1.75 14.72 -12.37
N SER A 37 2.28 14.21 -13.47
CA SER A 37 1.70 13.08 -14.19
C SER A 37 1.92 11.77 -13.46
N PRO A 38 0.85 11.01 -13.19
CA PRO A 38 1.04 9.67 -12.61
C PRO A 38 1.84 8.72 -13.51
N LEU A 39 1.67 8.76 -14.83
N LEU A 39 1.64 8.83 -14.83
CA LEU A 39 2.42 7.80 -15.66
CA LEU A 39 2.36 8.01 -15.79
C LEU A 39 3.90 8.21 -15.77
C LEU A 39 3.84 8.25 -15.68
N GLU A 40 4.22 9.52 -15.73
CA GLU A 40 5.62 9.94 -15.68
C GLU A 40 6.25 9.44 -14.39
N ALA A 41 5.55 9.56 -13.27
CA ALA A 41 6.08 9.09 -11.99
C ALA A 41 6.31 7.59 -12.00
N ALA A 42 5.31 6.83 -12.46
CA ALA A 42 5.41 5.38 -12.48
C ALA A 42 6.56 4.93 -13.38
N LEU A 43 6.65 5.54 -14.57
CA LEU A 43 7.73 5.19 -15.49
C LEU A 43 9.09 5.55 -14.91
N SER A 44 9.17 6.66 -14.16
CA SER A 44 10.41 7.02 -13.49
C SER A 44 10.83 5.96 -12.46
N TRP A 45 9.88 5.45 -11.69
CA TRP A 45 10.22 4.40 -10.73
C TRP A 45 10.68 3.12 -11.44
N GLN A 46 9.99 2.75 -12.52
CA GLN A 46 10.39 1.58 -13.29
C GLN A 46 11.80 1.75 -13.86
N ARG A 47 12.08 2.90 -14.46
N ARG A 47 12.09 2.90 -14.43
CA ARG A 47 13.39 3.20 -15.01
CA ARG A 47 13.39 3.16 -15.02
C ARG A 47 14.47 2.98 -13.96
C ARG A 47 14.51 3.08 -14.00
N ALA A 48 14.21 3.48 -12.75
CA ALA A 48 15.20 3.47 -11.66
C ALA A 48 15.43 2.09 -11.05
N GLY A 49 14.69 1.09 -11.51
CA GLY A 49 14.89 -0.29 -11.05
C GLY A 49 13.80 -0.87 -10.15
N ALA A 50 12.68 -0.17 -9.98
CA ALA A 50 11.60 -0.68 -9.15
C ALA A 50 11.17 -2.09 -9.55
N GLU A 51 10.90 -2.89 -8.53
N GLU A 51 10.86 -2.92 -8.58
CA GLU A 51 10.34 -4.23 -8.65
CA GLU A 51 10.23 -4.21 -8.88
C GLU A 51 8.81 -4.18 -8.63
C GLU A 51 8.73 -4.18 -8.66
N TRP A 52 8.28 -3.16 -7.95
CA TRP A 52 6.87 -2.98 -7.64
C TRP A 52 6.50 -1.52 -7.82
N LEU A 53 5.25 -1.28 -8.20
CA LEU A 53 4.58 -0.01 -8.07
C LEU A 53 3.40 -0.19 -7.10
N HIS A 54 3.28 0.71 -6.13
CA HIS A 54 2.08 0.77 -5.29
C HIS A 54 1.22 1.93 -5.80
N LEU A 55 0.08 1.59 -6.41
CA LEU A 55 -0.75 2.54 -7.13
C LEU A 55 -2.06 2.71 -6.39
N VAL A 56 -2.42 3.97 -6.11
CA VAL A 56 -3.61 4.24 -5.31
C VAL A 56 -4.53 5.20 -6.03
N ASP A 57 -5.80 4.83 -6.13
CA ASP A 57 -6.83 5.72 -6.67
C ASP A 57 -7.50 6.41 -5.49
N LEU A 58 -7.04 7.63 -5.18
CA LEU A 58 -7.57 8.34 -4.02
C LEU A 58 -8.99 8.83 -4.24
N ASP A 59 -9.37 9.13 -5.48
CA ASP A 59 -10.77 9.49 -5.70
C ASP A 59 -11.68 8.34 -5.38
N ALA A 60 -11.32 7.13 -5.82
CA ALA A 60 -12.11 5.97 -5.46
C ALA A 60 -12.11 5.77 -3.94
N ALA A 61 -10.96 5.97 -3.30
CA ALA A 61 -10.86 5.82 -1.84
C ALA A 61 -11.78 6.79 -1.10
N PHE A 62 -11.87 8.03 -1.58
CA PHE A 62 -12.65 9.07 -0.92
C PHE A 62 -14.09 9.19 -1.45
N GLY A 63 -14.44 8.39 -2.45
CA GLY A 63 -15.80 8.41 -3.02
C GLY A 63 -16.10 9.65 -3.86
N THR A 64 -15.07 10.24 -4.46
CA THR A 64 -15.22 11.42 -5.30
C THR A 64 -14.89 11.04 -6.74
N GLY A 65 -15.73 10.19 -7.32
CA GLY A 65 -15.46 9.61 -8.63
C GLY A 65 -14.28 8.66 -8.57
N ASP A 66 -13.59 8.53 -9.69
CA ASP A 66 -12.46 7.61 -9.75
C ASP A 66 -11.53 7.99 -10.89
N ASN A 67 -10.43 7.26 -11.01
CA ASN A 67 -9.47 7.43 -12.08
C ASN A 67 -9.25 6.09 -12.77
N ARG A 68 -10.34 5.39 -13.05
CA ARG A 68 -10.23 4.00 -13.54
C ARG A 68 -9.42 3.86 -14.83
N GLU A 69 -9.69 4.71 -15.83
CA GLU A 69 -8.95 4.61 -17.08
C GLU A 69 -7.46 4.83 -16.84
N LEU A 70 -7.13 5.89 -16.10
CA LEU A 70 -5.74 6.22 -15.88
C LEU A 70 -5.03 5.13 -15.09
N VAL A 71 -5.67 4.56 -14.06
N VAL A 71 -5.72 4.60 -14.09
CA VAL A 71 -4.95 3.50 -13.31
CA VAL A 71 -5.19 3.51 -13.28
C VAL A 71 -4.83 2.23 -14.15
C VAL A 71 -4.85 2.31 -14.17
N ARG A 72 -5.78 1.97 -15.05
CA ARG A 72 -5.57 0.88 -16.01
C ARG A 72 -4.37 1.16 -16.91
N GLN A 73 -4.30 2.39 -17.43
CA GLN A 73 -3.22 2.75 -18.35
C GLN A 73 -1.86 2.69 -17.66
N VAL A 74 -1.78 3.17 -16.43
CA VAL A 74 -0.54 3.09 -15.66
C VAL A 74 -0.16 1.63 -15.42
N THR A 75 -1.12 0.83 -14.98
CA THR A 75 -0.85 -0.57 -14.69
C THR A 75 -0.39 -1.32 -15.92
N GLU A 76 -1.09 -1.14 -17.04
CA GLU A 76 -0.75 -1.86 -18.26
C GLU A 76 0.60 -1.40 -18.83
N ALA A 77 1.01 -0.16 -18.54
CA ALA A 77 2.34 0.35 -18.94
C ALA A 77 3.49 -0.24 -18.13
N MSE A 78 3.20 -0.75 -16.95
CA MSE A 78 4.24 -1.34 -16.11
C MSE A 78 4.56 -2.74 -16.55
O MSE A 78 3.70 -3.59 -16.65
CB MSE A 78 3.80 -1.43 -14.65
CG MSE A 78 3.56 -0.08 -13.97
SE MSE A 78 5.16 1.06 -13.88
CE MSE A 78 4.73 2.19 -15.42
N ASP A 79 5.84 -2.98 -16.80
CA ASP A 79 6.36 -4.33 -16.92
C ASP A 79 6.54 -4.94 -15.53
N ILE A 80 6.73 -4.08 -14.54
CA ILE A 80 6.92 -4.50 -13.15
C ILE A 80 5.61 -4.87 -12.48
N LYS A 81 5.69 -5.44 -11.28
N LYS A 81 5.70 -5.42 -11.27
CA LYS A 81 4.52 -5.83 -10.51
CA LYS A 81 4.52 -5.81 -10.52
C LYS A 81 3.80 -4.59 -9.98
C LYS A 81 3.79 -4.58 -9.98
N VAL A 82 2.47 -4.66 -9.93
CA VAL A 82 1.64 -3.53 -9.48
C VAL A 82 0.71 -3.99 -8.39
N GLU A 83 0.71 -3.23 -7.29
CA GLU A 83 -0.23 -3.37 -6.20
C GLU A 83 -1.19 -2.20 -6.29
N LEU A 84 -2.48 -2.48 -6.46
CA LEU A 84 -3.50 -1.44 -6.69
C LEU A 84 -4.46 -1.37 -5.51
N SER A 85 -4.70 -0.14 -5.05
CA SER A 85 -5.53 0.14 -3.88
C SER A 85 -6.43 1.34 -4.17
N GLY A 86 -7.53 1.43 -3.42
CA GLY A 86 -8.32 2.67 -3.35
C GLY A 86 -9.78 2.38 -3.63
N GLY A 87 -10.59 2.36 -2.57
CA GLY A 87 -12.04 2.19 -2.73
C GLY A 87 -12.49 0.84 -3.26
N ILE A 88 -11.68 -0.20 -3.07
CA ILE A 88 -12.08 -1.52 -3.54
C ILE A 88 -12.94 -2.12 -2.44
N ARG A 89 -14.25 -2.14 -2.69
CA ARG A 89 -15.22 -2.34 -1.60
C ARG A 89 -16.44 -3.16 -2.00
N ASP A 90 -16.55 -3.54 -3.26
CA ASP A 90 -17.68 -4.34 -3.73
C ASP A 90 -17.26 -5.09 -4.98
N ASP A 91 -18.13 -5.97 -5.48
CA ASP A 91 -17.76 -6.81 -6.61
C ASP A 91 -17.31 -6.00 -7.83
N ALA A 92 -18.00 -4.89 -8.10
CA ALA A 92 -17.70 -4.10 -9.30
C ALA A 92 -16.36 -3.37 -9.20
N SER A 93 -16.11 -2.74 -8.06
CA SER A 93 -14.83 -2.07 -7.86
C SER A 93 -13.68 -3.07 -7.80
N LEU A 94 -13.91 -4.24 -7.21
CA LEU A 94 -12.89 -5.28 -7.25
C LEU A 94 -12.63 -5.77 -8.69
N ALA A 95 -13.70 -6.02 -9.44
CA ALA A 95 -13.55 -6.46 -10.82
C ALA A 95 -12.80 -5.42 -11.68
N ALA A 96 -13.09 -4.14 -11.45
CA ALA A 96 -12.40 -3.09 -12.19
C ALA A 96 -10.91 -3.12 -11.86
N ALA A 97 -10.58 -3.27 -10.59
CA ALA A 97 -9.17 -3.34 -10.19
C ALA A 97 -8.47 -4.54 -10.79
N LEU A 98 -9.10 -5.71 -10.69
CA LEU A 98 -8.45 -6.92 -11.20
C LEU A 98 -8.27 -6.86 -12.70
N ALA A 99 -9.22 -6.21 -13.39
CA ALA A 99 -9.16 -6.09 -14.84
C ALA A 99 -7.98 -5.28 -15.34
N THR A 100 -7.33 -4.51 -14.46
CA THR A 100 -6.12 -3.78 -14.86
C THR A 100 -4.94 -4.70 -15.11
N GLY A 101 -5.03 -5.95 -14.68
CA GLY A 101 -3.91 -6.87 -14.74
C GLY A 101 -2.91 -6.65 -13.63
N CYS A 102 -3.30 -5.90 -12.59
CA CYS A 102 -2.43 -5.71 -11.44
C CYS A 102 -2.07 -7.07 -10.82
N THR A 103 -0.93 -7.10 -10.16
CA THR A 103 -0.44 -8.31 -9.50
C THR A 103 -1.27 -8.63 -8.27
N ARG A 104 -1.62 -7.61 -7.49
CA ARG A 104 -2.50 -7.79 -6.36
C ARG A 104 -3.22 -6.51 -6.05
N VAL A 105 -4.31 -6.63 -5.30
CA VAL A 105 -5.05 -5.47 -4.83
C VAL A 105 -4.92 -5.37 -3.32
N ASN A 106 -5.27 -4.20 -2.80
CA ASN A 106 -5.44 -4.03 -1.36
C ASN A 106 -6.87 -3.65 -1.07
N LEU A 107 -7.48 -4.35 -0.13
CA LEU A 107 -8.81 -4.03 0.42
C LEU A 107 -8.56 -3.37 1.75
N GLY A 108 -9.11 -2.17 1.91
N GLY A 108 -9.13 -2.19 1.96
CA GLY A 108 -8.84 -1.38 3.10
CA GLY A 108 -8.88 -1.46 3.21
C GLY A 108 -10.10 -1.06 3.85
C GLY A 108 -10.14 -1.31 4.04
N THR A 109 -10.17 0.17 4.32
N THR A 109 -10.84 -0.21 3.79
CA THR A 109 -11.18 0.57 5.29
CA THR A 109 -12.07 0.08 4.50
C THR A 109 -12.59 0.36 4.78
C THR A 109 -13.06 -1.07 4.41
N ALA A 110 -12.87 0.77 3.54
N ALA A 110 -13.00 -1.83 3.32
CA ALA A 110 -14.22 0.62 3.00
CA ALA A 110 -13.92 -2.97 3.12
C ALA A 110 -14.61 -0.85 2.89
C ALA A 110 -13.78 -4.01 4.22
N ALA A 111 -13.67 -1.67 2.42
N ALA A 111 -12.56 -4.19 4.72
CA ALA A 111 -13.91 -3.10 2.30
CA ALA A 111 -12.32 -5.16 5.79
C ALA A 111 -14.24 -3.71 3.65
C ALA A 111 -12.97 -4.69 7.07
N LEU A 112 -13.50 -3.28 4.66
N LEU A 112 -13.25 -3.39 7.15
CA LEU A 112 -13.61 -3.86 5.99
CA LEU A 112 -13.92 -2.81 8.32
C LEU A 112 -14.93 -3.54 6.69
C LEU A 112 -15.43 -2.85 8.11
N GLU A 113 -15.67 -2.57 6.17
N GLU A 113 -15.87 -2.43 6.92
CA GLU A 113 -17.04 -2.32 6.63
CA GLU A 113 -17.30 -2.25 6.66
C GLU A 113 -17.96 -3.49 6.26
C GLU A 113 -18.05 -3.52 6.25
N SER A 114 -17.44 -4.36 5.41
CA SER A 114 -18.13 -5.56 4.90
C SER A 114 -17.25 -6.79 5.12
N PRO A 115 -17.01 -7.15 6.37
CA PRO A 115 -16.05 -8.24 6.64
C PRO A 115 -16.41 -9.57 5.97
N GLU A 116 -17.71 -9.87 5.85
CA GLU A 116 -18.13 -11.11 5.21
C GLU A 116 -17.78 -11.11 3.70
N TRP A 117 -17.90 -9.95 3.06
CA TRP A 117 -17.51 -9.81 1.66
C TRP A 117 -16.00 -10.01 1.52
N VAL A 118 -15.22 -9.39 2.41
CA VAL A 118 -13.76 -9.55 2.36
C VAL A 118 -13.40 -11.04 2.50
N ALA A 119 -14.07 -11.75 3.41
CA ALA A 119 -13.77 -13.17 3.59
C ALA A 119 -14.00 -13.95 2.29
N LYS A 120 -15.09 -13.62 1.60
CA LYS A 120 -15.43 -14.26 0.33
C LYS A 120 -14.40 -13.95 -0.76
N VAL A 121 -13.98 -12.69 -0.80
CA VAL A 121 -12.98 -12.25 -1.78
C VAL A 121 -11.63 -12.95 -1.58
N ILE A 122 -11.21 -13.06 -0.31
CA ILE A 122 -9.98 -13.80 0.02
C ILE A 122 -10.12 -15.25 -0.43
N ALA A 123 -11.26 -15.87 -0.14
CA ALA A 123 -11.49 -17.26 -0.53
C ALA A 123 -11.42 -17.46 -2.04
N GLU A 124 -12.00 -16.53 -2.81
N GLU A 124 -11.99 -16.52 -2.80
CA GLU A 124 -12.01 -16.66 -4.27
CA GLU A 124 -12.03 -16.65 -4.25
C GLU A 124 -10.67 -16.34 -4.91
C GLU A 124 -10.70 -16.32 -4.93
N HIS A 125 -10.03 -15.26 -4.46
CA HIS A 125 -8.88 -14.68 -5.19
C HIS A 125 -7.51 -14.94 -4.58
N GLY A 126 -7.49 -15.49 -3.36
CA GLY A 126 -6.24 -15.90 -2.73
C GLY A 126 -5.16 -14.82 -2.69
N ASP A 127 -3.99 -15.14 -3.23
CA ASP A 127 -2.79 -14.28 -3.15
C ASP A 127 -2.91 -12.98 -3.94
N ARG A 128 -3.93 -12.85 -4.78
N ARG A 128 -3.91 -12.83 -4.79
CA ARG A 128 -4.22 -11.58 -5.43
CA ARG A 128 -4.16 -11.53 -5.41
C ARG A 128 -4.76 -10.52 -4.46
C ARG A 128 -4.78 -10.50 -4.46
N ILE A 129 -5.11 -10.93 -3.24
CA ILE A 129 -5.69 -10.05 -2.25
C ILE A 129 -4.75 -9.83 -1.07
N ALA A 130 -4.53 -8.57 -0.73
CA ALA A 130 -3.94 -8.20 0.56
C ALA A 130 -4.91 -7.26 1.24
N VAL A 131 -4.81 -7.17 2.56
CA VAL A 131 -5.68 -6.27 3.32
C VAL A 131 -4.86 -5.14 3.91
N GLY A 132 -5.33 -3.91 3.65
CA GLY A 132 -4.75 -2.71 4.23
C GLY A 132 -5.34 -2.41 5.58
N LEU A 133 -4.45 -2.33 6.58
CA LEU A 133 -4.79 -2.02 7.95
C LEU A 133 -4.17 -0.66 8.26
N ASP A 134 -5.02 0.37 8.32
CA ASP A 134 -4.59 1.74 8.57
C ASP A 134 -4.94 2.04 10.02
N VAL A 135 -3.92 2.35 10.84
CA VAL A 135 -4.14 2.52 12.27
C VAL A 135 -3.63 3.82 12.82
N ARG A 136 -4.32 4.30 13.85
CA ARG A 136 -3.78 5.23 14.80
C ARG A 136 -3.60 4.43 16.07
N GLY A 137 -2.35 4.31 16.53
CA GLY A 137 -2.04 3.42 17.62
C GLY A 137 -2.30 2.00 17.17
N THR A 138 -3.27 1.35 17.80
CA THR A 138 -3.70 0.01 17.39
C THR A 138 -5.19 0.00 17.03
N THR A 139 -5.73 1.17 16.69
CA THR A 139 -7.12 1.31 16.35
C THR A 139 -7.27 1.56 14.85
N LEU A 140 -8.03 0.70 14.18
CA LEU A 140 -8.24 0.80 12.75
C LEU A 140 -9.11 1.98 12.39
N LYS A 141 -8.79 2.60 11.25
CA LYS A 141 -9.48 3.81 10.79
C LYS A 141 -10.98 3.56 10.55
N GLY A 142 -11.79 4.61 10.73
CA GLY A 142 -13.24 4.52 10.51
C GLY A 142 -13.84 5.89 10.17
N GLY A 149 -12.65 2.03 14.15
CA GLY A 149 -12.83 0.97 13.16
C GLY A 149 -12.47 -0.44 13.65
N GLY A 150 -12.06 -0.55 14.91
CA GLY A 150 -11.79 -1.85 15.53
C GLY A 150 -10.33 -2.05 15.95
N ASP A 151 -10.12 -3.05 16.80
CA ASP A 151 -8.78 -3.36 17.28
C ASP A 151 -7.97 -4.06 16.20
N LEU A 152 -6.74 -3.60 16.02
CA LEU A 152 -5.82 -4.16 15.05
C LEU A 152 -5.61 -5.67 15.23
N TYR A 153 -5.38 -6.08 16.47
CA TYR A 153 -5.06 -7.48 16.72
C TYR A 153 -6.25 -8.40 16.56
N GLU A 154 -7.46 -7.92 16.88
CA GLU A 154 -8.66 -8.72 16.62
C GLU A 154 -8.87 -8.91 15.12
N ALA A 155 -8.59 -7.86 14.34
CA ALA A 155 -8.70 -7.94 12.89
C ALA A 155 -7.69 -8.93 12.32
N LEU A 156 -6.45 -8.86 12.78
CA LEU A 156 -5.42 -9.79 12.30
C LEU A 156 -5.79 -11.23 12.61
N GLU A 157 -6.33 -11.49 13.80
CA GLU A 157 -6.73 -12.86 14.16
C GLU A 157 -7.83 -13.35 13.20
N ARG A 158 -8.84 -12.50 12.97
CA ARG A 158 -9.95 -12.90 12.11
C ARG A 158 -9.48 -13.13 10.68
N LEU A 159 -8.71 -12.20 10.15
CA LEU A 159 -8.24 -12.30 8.78
C LEU A 159 -7.28 -13.48 8.59
N ASP A 160 -6.46 -13.77 9.60
CA ASP A 160 -5.58 -14.94 9.53
C ASP A 160 -6.41 -16.20 9.29
N LYS A 161 -7.47 -16.35 10.08
N LYS A 161 -7.48 -16.37 10.04
CA LYS A 161 -8.38 -17.50 10.00
CA LYS A 161 -8.28 -17.59 9.94
C LYS A 161 -9.10 -17.58 8.65
C LYS A 161 -9.24 -17.57 8.74
N GLU A 162 -9.38 -16.42 8.07
CA GLU A 162 -10.05 -16.34 6.77
C GLU A 162 -9.10 -16.69 5.64
N GLY A 163 -7.82 -16.85 5.94
CA GLY A 163 -6.83 -17.20 4.93
C GLY A 163 -6.19 -16.02 4.24
N CYS A 164 -6.22 -14.83 4.86
CA CYS A 164 -5.61 -13.66 4.25
C CYS A 164 -4.12 -13.89 4.01
N ALA A 165 -3.67 -13.57 2.80
CA ALA A 165 -2.30 -13.86 2.38
C ALA A 165 -1.29 -12.86 2.91
N ARG A 166 -1.71 -11.62 3.18
CA ARG A 166 -0.76 -10.52 3.30
C ARG A 166 -1.45 -9.27 3.84
N TYR A 167 -0.71 -8.50 4.65
CA TYR A 167 -1.23 -7.27 5.24
C TYR A 167 -0.35 -6.09 4.87
N VAL A 168 -0.99 -4.95 4.57
CA VAL A 168 -0.28 -3.70 4.37
C VAL A 168 -0.66 -2.81 5.55
N VAL A 169 0.34 -2.48 6.37
CA VAL A 169 0.08 -1.81 7.65
C VAL A 169 0.58 -0.38 7.57
N THR A 170 -0.34 0.57 7.70
CA THR A 170 -0.01 1.99 7.66
C THR A 170 -0.24 2.62 9.01
N ASP A 171 0.78 3.29 9.53
CA ASP A 171 0.63 4.14 10.72
C ASP A 171 0.19 5.52 10.21
N ILE A 172 -1.10 5.80 10.37
CA ILE A 172 -1.69 7.06 9.91
C ILE A 172 -0.99 8.27 10.52
N ALA A 173 -0.54 8.13 11.76
CA ALA A 173 0.13 9.25 12.44
C ALA A 173 1.44 9.65 11.77
N LYS A 174 2.07 8.69 11.08
CA LYS A 174 3.35 8.94 10.45
C LYS A 174 3.28 9.12 8.93
N ASP A 175 2.17 8.70 8.34
CA ASP A 175 2.03 8.72 6.88
C ASP A 175 2.15 10.15 6.34
N GLY A 176 3.08 10.35 5.42
CA GLY A 176 3.26 11.63 4.75
C GLY A 176 3.94 12.69 5.61
N THR A 177 4.53 12.30 6.72
CA THR A 177 5.15 13.25 7.66
C THR A 177 6.66 13.37 7.59
N LEU A 178 7.31 12.41 6.95
CA LEU A 178 8.77 12.36 6.90
C LEU A 178 9.41 12.31 8.29
N GLN A 179 8.71 11.74 9.27
CA GLN A 179 9.28 11.68 10.63
C GLN A 179 9.95 10.36 10.95
N GLY A 180 9.83 9.40 10.04
CA GLY A 180 10.37 8.06 10.26
C GLY A 180 9.25 7.07 10.48
N PRO A 181 9.51 5.79 10.17
CA PRO A 181 8.50 4.76 10.31
C PRO A 181 8.31 4.31 11.75
N ASN A 182 7.17 3.72 12.01
CA ASN A 182 6.90 3.10 13.30
C ASN A 182 7.40 1.67 13.32
N LEU A 183 8.61 1.48 13.82
CA LEU A 183 9.23 0.16 13.85
C LEU A 183 8.59 -0.75 14.89
N GLU A 184 8.11 -0.17 15.99
CA GLU A 184 7.47 -0.94 17.05
C GLU A 184 6.18 -1.57 16.55
N LEU A 185 5.39 -0.79 15.80
CA LEU A 185 4.16 -1.31 15.22
C LEU A 185 4.45 -2.49 14.32
N LEU A 186 5.47 -2.36 13.48
CA LEU A 186 5.81 -3.46 12.57
C LEU A 186 6.22 -4.72 13.33
N ARG A 187 7.07 -4.55 14.34
CA ARG A 187 7.46 -5.70 15.18
C ARG A 187 6.24 -6.35 15.84
N ASN A 188 5.32 -5.53 16.34
CA ASN A 188 4.14 -6.07 17.01
C ASN A 188 3.20 -6.82 16.06
N VAL A 189 3.04 -6.31 14.85
CA VAL A 189 2.20 -7.00 13.88
C VAL A 189 2.86 -8.32 13.49
N CYS A 190 4.17 -8.30 13.26
CA CYS A 190 4.89 -9.51 12.93
C CYS A 190 4.85 -10.56 14.04
N ALA A 191 4.73 -10.13 15.29
CA ALA A 191 4.58 -11.08 16.40
C ALA A 191 3.18 -11.70 16.41
N ALA A 192 2.21 -10.97 15.87
CA ALA A 192 0.81 -11.39 15.89
C ALA A 192 0.42 -12.31 14.72
N THR A 193 1.04 -12.13 13.56
CA THR A 193 0.67 -12.91 12.37
C THR A 193 1.90 -13.51 11.70
N ASP A 194 1.70 -14.68 11.11
CA ASP A 194 2.72 -15.33 10.29
C ASP A 194 2.69 -14.90 8.83
N ARG A 195 1.68 -14.12 8.42
N ARG A 195 1.68 -14.14 8.41
CA ARG A 195 1.57 -13.66 7.04
CA ARG A 195 1.56 -13.72 7.00
C ARG A 195 2.58 -12.53 6.78
C ARG A 195 2.47 -12.51 6.75
N PRO A 196 2.98 -12.37 5.52
CA PRO A 196 3.85 -11.23 5.20
C PRO A 196 3.21 -9.88 5.48
N VAL A 197 4.04 -8.97 5.95
CA VAL A 197 3.63 -7.62 6.29
C VAL A 197 4.37 -6.63 5.41
N VAL A 198 3.62 -5.72 4.81
CA VAL A 198 4.19 -4.63 4.01
C VAL A 198 4.03 -3.34 4.83
N ALA A 199 5.13 -2.64 5.07
CA ALA A 199 5.13 -1.41 5.85
C ALA A 199 4.74 -0.23 4.98
N SER A 200 3.97 0.68 5.55
CA SER A 200 3.62 1.94 4.89
C SER A 200 3.57 3.11 5.86
N GLY A 201 4.20 4.22 5.46
CA GLY A 201 4.08 5.48 6.14
C GLY A 201 5.32 5.91 6.90
N GLY A 202 5.75 7.13 6.62
CA GLY A 202 6.75 7.78 7.45
C GLY A 202 8.19 7.70 7.00
N VAL A 203 8.52 6.85 6.03
CA VAL A 203 9.92 6.71 5.63
C VAL A 203 10.44 8.10 5.26
N SER A 204 11.63 8.42 5.76
CA SER A 204 12.22 9.74 5.56
C SER A 204 13.66 9.73 5.07
N SER A 205 14.31 8.57 5.09
CA SER A 205 15.74 8.49 4.87
C SER A 205 16.14 7.07 4.52
N LEU A 206 17.35 6.94 3.97
CA LEU A 206 17.94 5.63 3.72
C LEU A 206 18.12 4.86 5.02
N ASP A 207 18.49 5.55 6.11
CA ASP A 207 18.60 4.88 7.39
C ASP A 207 17.27 4.27 7.84
N ASP A 208 16.17 4.94 7.55
CA ASP A 208 14.85 4.39 7.87
C ASP A 208 14.62 3.08 7.11
N LEU A 209 14.99 3.05 5.84
CA LEU A 209 14.85 1.82 5.06
C LEU A 209 15.75 0.70 5.57
N ARG A 210 16.98 1.04 5.95
CA ARG A 210 17.85 0.04 6.57
C ARG A 210 17.24 -0.51 7.86
N ALA A 211 16.59 0.36 8.65
CA ALA A 211 15.93 -0.07 9.88
C ALA A 211 14.77 -1.02 9.61
N ILE A 212 13.97 -0.71 8.58
CA ILE A 212 12.88 -1.61 8.20
C ILE A 212 13.45 -2.93 7.67
N ALA A 213 14.52 -2.86 6.89
CA ALA A 213 15.14 -4.06 6.34
C ALA A 213 15.62 -5.03 7.43
N GLU A 214 16.01 -4.50 8.59
CA GLU A 214 16.40 -5.35 9.71
C GLU A 214 15.25 -6.22 10.23
N LEU A 215 14.02 -5.84 9.91
CA LEU A 215 12.83 -6.56 10.37
C LEU A 215 12.36 -7.64 9.39
N VAL A 216 13.04 -7.80 8.27
CA VAL A 216 12.65 -8.84 7.30
C VAL A 216 12.54 -10.23 7.96
N PRO A 217 13.49 -10.60 8.82
CA PRO A 217 13.35 -11.92 9.44
C PRO A 217 12.13 -12.11 10.33
N LEU A 218 11.56 -11.01 10.86
CA LEU A 218 10.34 -11.08 11.65
C LEU A 218 9.10 -11.29 10.81
N GLY A 219 9.17 -11.00 9.51
CA GLY A 219 8.01 -11.10 8.65
C GLY A 219 7.69 -9.88 7.82
N VAL A 220 8.48 -8.82 7.96
CA VAL A 220 8.30 -7.65 7.08
C VAL A 220 8.86 -7.97 5.70
N GLU A 221 8.00 -7.93 4.71
CA GLU A 221 8.34 -8.32 3.35
C GLU A 221 8.76 -7.12 2.50
N GLY A 222 8.11 -5.98 2.74
CA GLY A 222 8.31 -4.83 1.88
C GLY A 222 8.00 -3.52 2.57
N SER A 223 8.38 -2.43 1.90
CA SER A 223 8.13 -1.08 2.35
C SER A 223 7.61 -0.25 1.19
N ILE A 224 6.46 0.37 1.40
CA ILE A 224 5.89 1.32 0.47
C ILE A 224 6.48 2.69 0.79
N VAL A 225 7.02 3.36 -0.23
CA VAL A 225 7.69 4.63 -0.04
C VAL A 225 7.06 5.69 -0.94
N GLY A 226 6.56 6.75 -0.31
CA GLY A 226 5.92 7.84 -1.02
C GLY A 226 6.70 9.14 -0.95
N LYS A 227 6.38 9.95 0.05
CA LYS A 227 6.88 11.32 0.08
C LYS A 227 8.39 11.45 0.04
N ALA A 228 9.12 10.54 0.67
CA ALA A 228 10.59 10.66 0.68
C ALA A 228 11.16 10.67 -0.75
N LEU A 229 10.54 9.91 -1.64
CA LEU A 229 10.99 9.90 -3.04
C LEU A 229 10.59 11.17 -3.78
N TYR A 230 9.34 11.59 -3.62
CA TYR A 230 8.87 12.79 -4.33
C TYR A 230 9.58 14.04 -3.85
N ALA A 231 9.87 14.10 -2.56
CA ALA A 231 10.57 15.24 -1.95
C ALA A 231 12.09 15.10 -2.00
N LYS A 232 12.58 14.08 -2.70
CA LYS A 232 13.99 13.95 -3.05
C LYS A 232 14.92 13.79 -1.83
N ALA A 233 14.41 13.16 -0.78
CA ALA A 233 15.28 12.80 0.35
C ALA A 233 16.40 11.88 -0.12
N PHE A 234 16.07 11.02 -1.07
CA PHE A 234 17.01 10.09 -1.71
C PHE A 234 16.38 9.69 -3.04
N THR A 235 17.20 9.08 -3.90
CA THR A 235 16.68 8.53 -5.15
C THR A 235 16.27 7.09 -4.95
N LEU A 236 15.43 6.59 -5.83
CA LEU A 236 15.06 5.18 -5.76
C LEU A 236 16.27 4.27 -5.96
N GLU A 237 17.21 4.67 -6.82
CA GLU A 237 18.42 3.89 -6.99
C GLU A 237 19.18 3.77 -5.65
N GLU A 238 19.29 4.88 -4.94
CA GLU A 238 19.96 4.85 -3.64
C GLU A 238 19.22 3.96 -2.64
N ALA A 239 17.90 4.02 -2.68
CA ALA A 239 17.07 3.19 -1.78
C ALA A 239 17.24 1.71 -2.08
N LEU A 240 17.21 1.34 -3.36
CA LEU A 240 17.39 -0.06 -3.75
C LEU A 240 18.76 -0.58 -3.31
N GLU A 241 19.78 0.25 -3.47
N GLU A 241 19.79 0.25 -3.46
CA GLU A 241 21.14 -0.09 -3.04
CA GLU A 241 21.14 -0.13 -3.03
C GLU A 241 21.22 -0.27 -1.54
C GLU A 241 21.23 -0.28 -1.52
N ALA A 242 20.57 0.63 -0.78
CA ALA A 242 20.61 0.59 0.68
C ALA A 242 20.03 -0.70 1.25
N VAL A 243 19.01 -1.25 0.62
CA VAL A 243 18.39 -2.47 1.13
C VAL A 243 18.95 -3.74 0.47
N ALA A 244 19.78 -3.60 -0.55
CA ALA A 244 20.42 -4.73 -1.21
C ALA A 244 21.46 -5.40 -0.32
N GLN A 245 21.84 -6.63 -0.70
CA GLN A 245 22.61 -7.53 0.15
C GLN A 245 23.94 -7.89 -0.50
P PO4 B . 4.67 8.08 2.87
O1 PO4 B . 5.87 7.26 2.41
O2 PO4 B . 4.81 8.56 4.30
O3 PO4 B . 4.37 9.22 1.93
O4 PO4 B . 3.48 7.09 2.87
P PO4 C . -9.55 1.94 0.98
O1 PO4 C . -9.20 3.03 0.01
O2 PO4 C . -9.17 2.22 2.42
O3 PO4 C . -8.94 0.63 0.56
O4 PO4 C . -11.05 1.80 0.93
#